data_2QH1
#
_entry.id   2QH1
#
_cell.length_a   58.806
_cell.length_b   63.031
_cell.length_c   97.474
_cell.angle_alpha   90.00
_cell.angle_beta   90.00
_cell.angle_gamma   90.00
#
_symmetry.space_group_name_H-M   'P 21 21 21'
#
loop_
_entity.id
_entity.type
_entity.pdbx_description
1 polymer 'Hypothetical protein Ta0289'
2 non-polymer 'FE (II) ION'
3 water water
#
_entity_poly.entity_id   1
_entity_poly.type   'polypeptide(L)'
_entity_poly.pdbx_seq_one_letter_code
;MGSSHHHHHHSSGLVPRGGHMFMRVEKIMNSNFKTVNWNTTVFDAVKIMNENHLYGLVVKDDNGNDVGLLSERSIIKRFI
PRNKKPDEVPIRLVMRKPIPKVKSDYDVKDVAAYLSENGLERCAVVDDPGRVVGIVTLTDLSRYLSRASITDILLSHRTK
DYQHLCPKCGVGVLEPVYNEKGEIKVFRCSNPACDYEE
;
_entity_poly.pdbx_strand_id   A,B
#
# COMPACT_ATOMS: atom_id res chain seq x y z
N HIS A 20 -3.99 19.63 22.17
CA HIS A 20 -3.97 21.08 21.84
C HIS A 20 -4.36 21.33 20.38
N MET A 21 -4.69 22.58 20.06
CA MET A 21 -5.07 22.96 18.70
C MET A 21 -3.79 23.14 17.89
N PHE A 22 -2.65 22.87 18.53
CA PHE A 22 -1.35 23.02 17.88
C PHE A 22 -0.38 21.91 18.28
N MET A 23 0.56 21.61 17.38
CA MET A 23 1.58 20.58 17.59
C MET A 23 2.48 20.53 16.37
N ARG A 24 3.71 21.00 16.49
CA ARG A 24 4.61 20.98 15.34
C ARG A 24 5.10 19.57 15.01
N VAL A 25 5.07 19.25 13.71
CA VAL A 25 5.46 17.94 13.21
C VAL A 25 6.83 17.43 13.68
N GLU A 26 7.77 18.36 13.88
CA GLU A 26 9.10 17.97 14.33
C GLU A 26 9.09 17.07 15.55
N LYS A 27 8.17 17.33 16.48
CA LYS A 27 8.07 16.56 17.71
C LYS A 27 7.55 15.13 17.52
N ILE A 28 6.73 14.91 16.49
CA ILE A 28 6.16 13.59 16.26
C ILE A 28 6.81 12.77 15.14
N MET A 29 7.58 13.43 14.28
CA MET A 29 8.24 12.75 13.17
C MET A 29 9.24 11.70 13.66
N ASN A 30 9.63 10.82 12.75
CA ASN A 30 10.60 9.77 13.06
C ASN A 30 11.96 10.24 12.53
N SER A 31 12.86 10.60 13.43
N SER A 31 12.85 10.61 13.44
CA SER A 31 14.18 11.08 13.04
CA SER A 31 14.18 11.08 13.07
C SER A 31 15.14 9.92 12.79
C SER A 31 15.14 9.94 12.82
N ASN A 32 14.69 8.72 13.16
N ASN A 32 14.70 8.73 13.14
CA ASN A 32 15.50 7.52 12.97
CA ASN A 32 15.52 7.54 12.97
C ASN A 32 14.98 6.77 11.75
C ASN A 32 15.00 6.78 11.75
N PHE A 33 15.23 7.35 10.57
CA PHE A 33 14.77 6.75 9.32
C PHE A 33 15.86 6.07 8.50
N LYS A 34 15.43 5.37 7.47
CA LYS A 34 16.33 4.64 6.59
C LYS A 34 16.45 5.32 5.23
N THR A 35 17.69 5.46 4.76
CA THR A 35 18.00 6.08 3.48
C THR A 35 18.69 5.08 2.56
N VAL A 36 18.28 5.05 1.29
CA VAL A 36 18.87 4.16 0.30
C VAL A 36 19.28 4.92 -0.95
N ASN A 37 20.27 4.39 -1.66
CA ASN A 37 20.76 5.02 -2.88
C ASN A 37 19.74 4.91 -4.01
N TRP A 38 19.71 5.92 -4.87
CA TRP A 38 18.73 5.91 -5.96
C TRP A 38 18.93 4.84 -7.04
N ASN A 39 20.04 4.13 -6.99
CA ASN A 39 20.28 3.08 -7.97
C ASN A 39 19.96 1.70 -7.39
N THR A 40 19.41 1.69 -6.19
CA THR A 40 19.01 0.45 -5.54
C THR A 40 17.83 -0.09 -6.33
N THR A 41 17.80 -1.40 -6.57
CA THR A 41 16.70 -2.00 -7.33
C THR A 41 15.44 -2.01 -6.47
N VAL A 42 14.29 -2.17 -7.11
CA VAL A 42 13.04 -2.24 -6.40
C VAL A 42 13.09 -3.46 -5.48
N PHE A 43 13.71 -4.53 -5.97
CA PHE A 43 13.84 -5.77 -5.23
C PHE A 43 14.56 -5.58 -3.90
N ASP A 44 15.74 -4.95 -3.94
CA ASP A 44 16.50 -4.72 -2.73
C ASP A 44 15.86 -3.72 -1.79
N ALA A 45 15.19 -2.72 -2.36
CA ALA A 45 14.53 -1.70 -1.55
C ALA A 45 13.35 -2.30 -0.81
N VAL A 46 12.60 -3.18 -1.48
CA VAL A 46 11.45 -3.80 -0.87
C VAL A 46 11.89 -4.79 0.21
N LYS A 47 12.98 -5.51 -0.02
CA LYS A 47 13.47 -6.44 0.99
C LYS A 47 13.81 -5.65 2.25
N ILE A 48 14.34 -4.44 2.08
CA ILE A 48 14.68 -3.57 3.21
C ILE A 48 13.40 -3.19 3.95
N MET A 49 12.38 -2.79 3.20
CA MET A 49 11.10 -2.39 3.80
C MET A 49 10.43 -3.55 4.53
N ASN A 50 10.44 -4.72 3.90
CA ASN A 50 9.81 -5.91 4.49
C ASN A 50 10.52 -6.39 5.75
N GLU A 51 11.85 -6.29 5.76
CA GLU A 51 12.65 -6.73 6.90
C GLU A 51 12.53 -5.77 8.09
N ASN A 52 12.37 -4.49 7.80
CA ASN A 52 12.25 -3.44 8.81
C ASN A 52 10.81 -3.10 9.20
N HIS A 53 9.86 -3.53 8.38
CA HIS A 53 8.45 -3.21 8.63
C HIS A 53 8.27 -1.69 8.59
N LEU A 54 9.00 -1.05 7.68
CA LEU A 54 8.93 0.40 7.49
C LEU A 54 8.69 0.56 5.99
N TYR A 55 7.49 0.98 5.61
CA TYR A 55 7.15 1.09 4.20
C TYR A 55 7.29 2.47 3.57
N GLY A 56 8.42 3.09 3.83
CA GLY A 56 8.70 4.41 3.28
C GLY A 56 10.18 4.65 3.46
N LEU A 57 10.90 4.82 2.35
CA LEU A 57 12.33 5.04 2.40
C LEU A 57 12.70 6.37 1.76
N VAL A 58 13.64 7.09 2.38
CA VAL A 58 14.11 8.35 1.80
C VAL A 58 15.20 7.91 0.81
N VAL A 59 15.22 8.53 -0.36
CA VAL A 59 16.19 8.16 -1.38
C VAL A 59 17.19 9.28 -1.65
N LYS A 60 18.48 8.94 -1.64
CA LYS A 60 19.54 9.91 -1.89
C LYS A 60 20.35 9.54 -3.13
N ASP A 61 20.92 10.54 -3.79
CA ASP A 61 21.74 10.26 -4.96
C ASP A 61 23.17 9.95 -4.50
N ASP A 62 24.10 9.86 -5.43
CA ASP A 62 25.49 9.56 -5.09
C ASP A 62 26.24 10.74 -4.50
N ASN A 63 25.57 11.89 -4.37
CA ASN A 63 26.19 13.08 -3.82
C ASN A 63 25.54 13.52 -2.51
N GLY A 64 24.77 12.64 -1.89
CA GLY A 64 24.13 12.96 -0.62
C GLY A 64 22.82 13.71 -0.67
N ASN A 65 22.39 14.09 -1.87
CA ASN A 65 21.14 14.83 -2.02
C ASN A 65 19.93 13.91 -1.85
N ASP A 66 18.93 14.36 -1.10
CA ASP A 66 17.70 13.59 -0.91
C ASP A 66 16.89 13.84 -2.16
N VAL A 67 16.73 12.83 -2.99
CA VAL A 67 16.01 13.01 -4.25
C VAL A 67 14.60 12.44 -4.37
N GLY A 68 14.14 11.70 -3.36
CA GLY A 68 12.80 11.14 -3.45
C GLY A 68 12.38 10.26 -2.28
N LEU A 69 11.14 9.78 -2.35
CA LEU A 69 10.61 8.90 -1.32
C LEU A 69 9.93 7.70 -1.96
N LEU A 70 10.33 6.51 -1.56
CA LEU A 70 9.75 5.29 -2.10
C LEU A 70 8.66 4.83 -1.14
N SER A 71 7.45 4.70 -1.67
CA SER A 71 6.30 4.26 -0.88
C SER A 71 5.68 3.05 -1.57
N GLU A 72 4.82 2.33 -0.85
CA GLU A 72 4.17 1.17 -1.44
C GLU A 72 3.40 1.56 -2.70
N ARG A 73 2.64 2.65 -2.62
CA ARG A 73 1.85 3.12 -3.75
C ARG A 73 2.68 3.43 -4.98
N SER A 74 3.86 4.03 -4.78
CA SER A 74 4.71 4.36 -5.91
C SER A 74 5.14 3.06 -6.63
N ILE A 75 5.23 1.97 -5.88
CA ILE A 75 5.62 0.69 -6.47
C ILE A 75 4.45 0.10 -7.26
N ILE A 76 3.26 0.15 -6.70
CA ILE A 76 2.08 -0.38 -7.35
C ILE A 76 1.74 0.43 -8.61
N LYS A 77 1.91 1.74 -8.53
CA LYS A 77 1.58 2.63 -9.64
C LYS A 77 2.68 2.81 -10.67
N ARG A 78 3.93 2.86 -10.23
CA ARG A 78 5.02 3.11 -11.17
C ARG A 78 6.02 2.00 -11.41
N PHE A 79 5.91 0.88 -10.71
CA PHE A 79 6.82 -0.23 -10.98
C PHE A 79 6.10 -1.39 -11.66
N ILE A 80 5.05 -1.90 -11.03
CA ILE A 80 4.31 -3.03 -11.59
C ILE A 80 3.94 -2.86 -13.06
N PRO A 81 3.38 -1.70 -13.43
CA PRO A 81 2.98 -1.47 -14.82
C PRO A 81 4.09 -1.56 -15.89
N ARG A 82 5.34 -1.60 -15.45
CA ARG A 82 6.47 -1.73 -16.39
C ARG A 82 6.65 -3.19 -16.79
N ASN A 83 6.08 -4.08 -15.98
CA ASN A 83 6.19 -5.51 -16.21
C ASN A 83 7.66 -5.93 -16.38
N LYS A 84 8.46 -5.62 -15.37
CA LYS A 84 9.88 -5.96 -15.35
C LYS A 84 10.19 -6.62 -14.00
N LYS A 85 11.25 -7.43 -13.95
CA LYS A 85 11.61 -8.07 -12.68
C LYS A 85 12.01 -6.97 -11.72
N PRO A 86 11.74 -7.17 -10.42
CA PRO A 86 12.09 -6.20 -9.38
C PRO A 86 13.57 -5.86 -9.33
N ASP A 87 14.42 -6.79 -9.74
CA ASP A 87 15.86 -6.55 -9.72
C ASP A 87 16.38 -5.88 -10.98
N GLU A 88 15.48 -5.51 -11.89
CA GLU A 88 15.90 -4.86 -13.13
C GLU A 88 15.51 -3.40 -13.18
N VAL A 89 14.88 -2.90 -12.12
CA VAL A 89 14.47 -1.49 -12.11
C VAL A 89 15.01 -0.70 -10.92
N PRO A 90 15.72 0.41 -11.19
CA PRO A 90 16.25 1.21 -10.07
C PRO A 90 15.12 2.06 -9.45
N ILE A 91 15.15 2.23 -8.13
CA ILE A 91 14.08 2.98 -7.48
C ILE A 91 13.97 4.44 -7.93
N ARG A 92 15.03 5.01 -8.48
CA ARG A 92 14.98 6.40 -8.92
C ARG A 92 13.84 6.62 -9.93
N LEU A 93 13.49 5.57 -10.67
CA LEU A 93 12.41 5.66 -11.66
C LEU A 93 11.04 5.31 -11.08
N VAL A 94 11.01 4.97 -9.79
CA VAL A 94 9.76 4.57 -9.15
C VAL A 94 9.32 5.52 -8.03
N MET A 95 10.29 5.93 -7.22
CA MET A 95 10.06 6.81 -6.09
C MET A 95 9.30 8.09 -6.43
N ARG A 96 8.63 8.65 -5.43
CA ARG A 96 7.93 9.91 -5.61
C ARG A 96 9.04 10.96 -5.76
N LYS A 97 8.94 11.77 -6.79
CA LYS A 97 9.94 12.79 -7.07
C LYS A 97 9.27 13.94 -7.84
N PRO A 98 9.59 15.19 -7.49
CA PRO A 98 10.54 15.56 -6.43
C PRO A 98 10.04 15.06 -5.07
N ILE A 99 10.98 14.88 -4.15
CA ILE A 99 10.68 14.38 -2.81
C ILE A 99 9.54 15.11 -2.10
N PRO A 100 8.51 14.38 -1.65
CA PRO A 100 7.37 14.99 -0.94
C PRO A 100 7.91 15.45 0.42
N LYS A 101 7.62 16.68 0.81
CA LYS A 101 8.15 17.14 2.08
C LYS A 101 7.43 18.34 2.67
N VAL A 102 7.65 18.54 3.97
CA VAL A 102 7.09 19.66 4.71
C VAL A 102 8.20 20.15 5.63
N LYS A 103 8.13 21.40 6.08
CA LYS A 103 9.14 21.93 6.98
C LYS A 103 8.88 21.38 8.39
N SER A 104 9.95 21.27 9.17
CA SER A 104 9.84 20.75 10.53
C SER A 104 9.03 21.62 11.48
N ASP A 105 8.78 22.88 11.10
CA ASP A 105 8.02 23.77 11.95
C ASP A 105 6.53 23.79 11.60
N TYR A 106 6.14 22.94 10.65
CA TYR A 106 4.75 22.82 10.22
C TYR A 106 3.89 22.28 11.36
N ASP A 107 2.67 22.78 11.47
CA ASP A 107 1.76 22.28 12.48
C ASP A 107 1.21 21.00 11.88
N VAL A 108 0.80 20.05 12.70
CA VAL A 108 0.27 18.79 12.17
C VAL A 108 -0.91 19.03 11.21
N LYS A 109 -1.71 20.05 11.48
CA LYS A 109 -2.85 20.35 10.60
C LYS A 109 -2.34 20.72 9.20
N ASP A 110 -1.22 21.44 9.17
CA ASP A 110 -0.62 21.85 7.90
C ASP A 110 -0.05 20.66 7.14
N VAL A 111 0.52 19.71 7.89
CA VAL A 111 1.09 18.51 7.29
C VAL A 111 -0.07 17.70 6.69
N ALA A 112 -1.19 17.66 7.40
CA ALA A 112 -2.36 16.93 6.94
C ALA A 112 -2.86 17.50 5.62
N ALA A 113 -2.92 18.82 5.54
CA ALA A 113 -3.39 19.49 4.32
C ALA A 113 -2.48 19.17 3.16
N TYR A 114 -1.18 19.12 3.43
CA TYR A 114 -0.18 18.82 2.43
C TYR A 114 -0.33 17.40 1.91
N LEU A 115 -0.46 16.44 2.83
CA LEU A 115 -0.59 15.05 2.43
C LEU A 115 -1.85 14.86 1.57
N SER A 116 -2.98 15.34 2.07
CA SER A 116 -4.26 15.21 1.37
C SER A 116 -4.24 15.87 0.00
N GLU A 117 -3.65 17.05 -0.07
CA GLU A 117 -3.55 17.79 -1.34
C GLU A 117 -2.75 16.97 -2.36
N ASN A 118 -1.81 16.17 -1.86
CA ASN A 118 -0.94 15.37 -2.71
C ASN A 118 -1.24 13.88 -2.80
N GLY A 119 -2.32 13.43 -2.18
CA GLY A 119 -2.68 12.03 -2.21
C GLY A 119 -1.65 11.13 -1.54
N LEU A 120 -0.97 11.66 -0.53
CA LEU A 120 0.07 10.93 0.20
C LEU A 120 -0.39 10.46 1.58
N GLU A 121 0.32 9.47 2.13
CA GLU A 121 0.03 9.00 3.47
C GLU A 121 1.29 9.16 4.32
N ARG A 122 2.34 9.73 3.72
CA ARG A 122 3.59 10.01 4.42
C ARG A 122 4.46 10.91 3.56
N CYS A 123 5.39 11.61 4.18
CA CYS A 123 6.29 12.49 3.44
C CYS A 123 7.51 12.77 4.30
N ALA A 124 8.51 13.43 3.72
CA ALA A 124 9.71 13.75 4.46
C ALA A 124 9.54 15.07 5.17
N VAL A 125 10.38 15.31 6.16
CA VAL A 125 10.38 16.54 6.92
C VAL A 125 11.77 17.12 6.78
N VAL A 126 11.86 18.40 6.42
CA VAL A 126 13.16 19.06 6.26
C VAL A 126 13.35 20.22 7.22
N ASP A 127 14.60 20.52 7.56
CA ASP A 127 14.87 21.65 8.44
C ASP A 127 15.12 22.89 7.58
N ASP A 128 15.42 24.02 8.23
CA ASP A 128 15.65 25.27 7.53
C ASP A 128 16.71 25.11 6.44
N PRO A 129 17.86 24.51 6.77
CA PRO A 129 18.93 24.32 5.76
C PRO A 129 18.41 23.56 4.54
N GLY A 130 17.40 22.72 4.74
CA GLY A 130 16.84 21.98 3.62
C GLY A 130 17.08 20.48 3.57
N ARG A 131 17.78 19.94 4.56
CA ARG A 131 18.04 18.50 4.57
C ARG A 131 16.90 17.72 5.22
N VAL A 132 16.70 16.48 4.78
CA VAL A 132 15.64 15.65 5.36
C VAL A 132 16.07 15.24 6.77
N VAL A 133 15.24 15.55 7.76
CA VAL A 133 15.56 15.20 9.14
C VAL A 133 14.67 14.09 9.69
N GLY A 134 13.69 13.68 8.90
CA GLY A 134 12.80 12.62 9.34
C GLY A 134 11.67 12.35 8.37
N ILE A 135 10.82 11.40 8.71
CA ILE A 135 9.67 11.04 7.88
C ILE A 135 8.46 11.08 8.79
N VAL A 136 7.35 11.59 8.28
CA VAL A 136 6.12 11.65 9.06
C VAL A 136 5.02 10.89 8.31
N THR A 137 4.36 9.96 9.01
CA THR A 137 3.30 9.16 8.41
C THR A 137 1.94 9.47 8.99
N LEU A 138 0.91 8.94 8.32
CA LEU A 138 -0.45 9.09 8.78
C LEU A 138 -0.57 8.50 10.18
N THR A 139 0.14 7.40 10.43
CA THR A 139 0.10 6.77 11.75
C THR A 139 0.64 7.72 12.82
N ASP A 140 1.71 8.46 12.48
CA ASP A 140 2.29 9.43 13.41
C ASP A 140 1.26 10.51 13.72
N LEU A 141 0.64 11.02 12.66
CA LEU A 141 -0.36 12.08 12.78
C LEU A 141 -1.68 11.64 13.41
N SER A 142 -2.06 10.37 13.25
CA SER A 142 -3.33 9.89 13.78
C SER A 142 -3.57 10.16 15.26
N ARG A 143 -2.49 10.39 16.03
CA ARG A 143 -2.66 10.66 17.45
C ARG A 143 -2.97 12.13 17.74
N TYR A 144 -2.87 12.99 16.74
CA TYR A 144 -3.13 14.41 16.95
C TYR A 144 -4.14 15.05 16.02
N LEU A 145 -4.57 14.31 15.01
CA LEU A 145 -5.53 14.86 14.05
C LEU A 145 -6.97 14.53 14.42
N SER A 146 -7.88 15.33 13.88
CA SER A 146 -9.29 15.11 14.10
C SER A 146 -9.66 13.88 13.29
N ARG A 147 -10.77 13.26 13.60
CA ARG A 147 -11.21 12.07 12.87
C ARG A 147 -11.46 12.45 11.41
N ALA A 148 -12.03 13.63 11.20
CA ALA A 148 -12.35 14.11 9.86
C ALA A 148 -11.09 14.30 9.00
N SER A 149 -10.02 14.81 9.60
CA SER A 149 -8.78 15.04 8.88
C SER A 149 -8.15 13.70 8.49
N ILE A 150 -8.21 12.73 9.39
CA ILE A 150 -7.65 11.41 9.11
C ILE A 150 -8.41 10.78 7.94
N THR A 151 -9.74 10.86 7.99
CA THR A 151 -10.56 10.29 6.92
C THR A 151 -10.22 10.98 5.60
N ASP A 152 -10.04 12.30 5.66
CA ASP A 152 -9.70 13.08 4.48
C ASP A 152 -8.41 12.57 3.84
N ILE A 153 -7.39 12.35 4.66
CA ILE A 153 -6.10 11.87 4.16
C ILE A 153 -6.27 10.51 3.51
N LEU A 154 -7.03 9.62 4.15
CA LEU A 154 -7.27 8.29 3.61
C LEU A 154 -8.00 8.36 2.27
N LEU A 155 -9.02 9.21 2.18
CA LEU A 155 -9.78 9.36 0.94
C LEU A 155 -8.92 9.91 -0.18
N SER A 156 -8.13 10.93 0.13
CA SER A 156 -7.25 11.53 -0.87
C SER A 156 -6.17 10.57 -1.36
N HIS A 157 -5.64 9.74 -0.47
CA HIS A 157 -4.60 8.79 -0.87
C HIS A 157 -5.18 7.78 -1.84
N ARG A 158 -6.47 7.46 -1.68
CA ARG A 158 -7.11 6.51 -2.57
C ARG A 158 -7.54 7.14 -3.89
N THR A 159 -8.09 8.34 -3.82
CA THR A 159 -8.58 9.03 -5.01
C THR A 159 -7.56 9.81 -5.83
N LYS A 160 -6.51 10.30 -5.17
CA LYS A 160 -5.49 11.09 -5.85
C LYS A 160 -4.11 10.43 -5.85
N ASP A 161 -3.28 10.82 -6.82
CA ASP A 161 -1.92 10.30 -6.90
C ASP A 161 -0.95 11.48 -7.02
N TYR A 162 0.19 11.37 -6.34
CA TYR A 162 1.21 12.40 -6.34
C TYR A 162 1.58 12.79 -7.76
N GLN A 163 1.68 14.09 -7.99
CA GLN A 163 2.03 14.60 -9.32
C GLN A 163 3.55 14.71 -9.45
N HIS A 164 4.11 13.94 -10.37
CA HIS A 164 5.55 13.99 -10.60
C HIS A 164 5.88 15.15 -11.53
N LEU A 165 6.15 16.30 -10.95
CA LEU A 165 6.50 17.49 -11.72
C LEU A 165 7.77 17.25 -12.51
N CYS A 166 7.79 17.71 -13.75
CA CYS A 166 8.95 17.55 -14.62
C CYS A 166 10.14 18.30 -14.05
N PRO A 167 11.32 17.64 -14.01
CA PRO A 167 12.52 18.30 -13.47
C PRO A 167 13.15 19.30 -14.46
N LYS A 168 12.82 19.16 -15.75
CA LYS A 168 13.38 20.06 -16.75
C LYS A 168 12.62 21.39 -16.92
N CYS A 169 11.31 21.32 -17.16
CA CYS A 169 10.53 22.56 -17.33
C CYS A 169 9.87 23.00 -16.04
N GLY A 170 9.84 22.10 -15.06
CA GLY A 170 9.26 22.41 -13.77
C GLY A 170 7.75 22.64 -13.69
N VAL A 171 7.06 22.68 -14.82
CA VAL A 171 5.61 22.91 -14.82
C VAL A 171 4.79 21.75 -15.39
N GLY A 172 5.37 21.00 -16.33
CA GLY A 172 4.66 19.88 -16.90
C GLY A 172 4.68 18.72 -15.91
N VAL A 173 3.86 17.72 -16.16
CA VAL A 173 3.81 16.55 -15.29
C VAL A 173 4.20 15.33 -16.12
N LEU A 174 4.99 14.45 -15.52
CA LEU A 174 5.44 13.25 -16.21
C LEU A 174 4.27 12.27 -16.32
N GLU A 175 3.90 11.94 -17.56
CA GLU A 175 2.79 11.03 -17.81
C GLU A 175 3.29 9.71 -18.38
N PRO A 176 2.64 8.59 -18.03
CA PRO A 176 3.03 7.27 -18.51
C PRO A 176 2.80 7.14 -20.02
N VAL A 177 3.72 6.46 -20.70
CA VAL A 177 3.61 6.21 -22.13
C VAL A 177 3.56 4.68 -22.25
N TYR A 178 2.44 4.17 -22.75
CA TYR A 178 2.22 2.73 -22.88
C TYR A 178 2.43 2.11 -24.25
N ASN A 179 2.73 0.81 -24.26
CA ASN A 179 2.91 0.08 -25.50
C ASN A 179 1.61 -0.72 -25.67
N GLU A 180 1.52 -1.52 -26.73
CA GLU A 180 0.30 -2.29 -26.99
C GLU A 180 -0.14 -3.22 -25.87
N LYS A 181 0.79 -3.62 -25.00
CA LYS A 181 0.45 -4.51 -23.89
C LYS A 181 -0.02 -3.76 -22.65
N GLY A 182 0.07 -2.43 -22.70
CA GLY A 182 -0.34 -1.63 -21.56
C GLY A 182 0.80 -1.48 -20.56
N GLU A 183 2.02 -1.77 -21.01
CA GLU A 183 3.21 -1.65 -20.17
C GLU A 183 3.80 -0.24 -20.31
N ILE A 184 4.28 0.31 -19.20
CA ILE A 184 4.88 1.63 -19.21
C ILE A 184 6.28 1.51 -19.80
N LYS A 185 6.57 2.31 -20.82
CA LYS A 185 7.90 2.28 -21.43
C LYS A 185 8.69 3.41 -20.79
N VAL A 186 8.05 4.57 -20.70
CA VAL A 186 8.67 5.75 -20.11
C VAL A 186 7.59 6.67 -19.58
N PHE A 187 8.01 7.68 -18.82
CA PHE A 187 7.10 8.69 -18.30
C PHE A 187 7.56 9.92 -19.04
N ARG A 188 6.64 10.58 -19.73
CA ARG A 188 7.00 11.73 -20.54
C ARG A 188 6.31 12.99 -20.05
N CYS A 189 7.04 14.11 -20.09
CA CYS A 189 6.48 15.38 -19.65
C CYS A 189 5.29 15.72 -20.53
N SER A 190 4.23 16.25 -19.92
CA SER A 190 3.01 16.61 -20.63
C SER A 190 3.16 17.94 -21.37
N ASN A 191 4.19 18.69 -21.01
CA ASN A 191 4.45 19.99 -21.63
C ASN A 191 4.89 19.83 -23.08
N PRO A 192 4.10 20.39 -24.02
CA PRO A 192 4.43 20.30 -25.45
C PRO A 192 5.76 21.02 -25.73
N ALA A 193 6.04 22.04 -24.93
CA ALA A 193 7.27 22.83 -25.07
C ALA A 193 8.48 22.12 -24.49
N CYS A 194 8.25 21.00 -23.80
CA CYS A 194 9.33 20.25 -23.18
C CYS A 194 9.50 18.87 -23.81
N ASP A 195 10.72 18.35 -23.79
CA ASP A 195 11.01 17.05 -24.39
C ASP A 195 11.56 16.03 -23.40
N TYR A 196 11.38 16.27 -22.11
CA TYR A 196 11.89 15.36 -21.09
C TYR A 196 11.08 14.08 -20.93
N GLU A 197 11.79 12.99 -20.66
CA GLU A 197 11.18 11.68 -20.41
C GLU A 197 12.22 10.81 -19.71
N GLU A 198 11.75 9.84 -18.92
CA GLU A 198 12.65 8.95 -18.19
C GLU A 198 12.04 7.56 -18.06
N LEU B 14 -21.78 5.61 -1.92
CA LEU B 14 -21.47 5.95 -0.50
C LEU B 14 -22.62 6.71 0.16
N VAL B 15 -23.39 6.01 0.99
CA VAL B 15 -24.52 6.63 1.68
C VAL B 15 -24.04 7.45 2.87
N PRO B 16 -24.27 8.78 2.84
CA PRO B 16 -23.83 9.60 3.98
C PRO B 16 -24.61 9.18 5.22
N ARG B 17 -23.92 9.03 6.35
CA ARG B 17 -24.58 8.60 7.57
C ARG B 17 -24.18 9.36 8.83
N GLY B 18 -23.10 10.14 8.75
CA GLY B 18 -22.65 10.88 9.91
C GLY B 18 -22.03 9.95 10.94
N GLY B 19 -21.18 10.49 11.80
CA GLY B 19 -20.51 9.69 12.81
C GLY B 19 -21.39 9.10 13.90
N HIS B 20 -21.12 7.84 14.21
CA HIS B 20 -21.86 7.11 15.25
C HIS B 20 -20.92 6.12 15.91
N MET B 21 -21.10 5.94 17.22
CA MET B 21 -20.27 5.02 17.97
C MET B 21 -20.44 3.61 17.42
N PHE B 22 -21.70 3.20 17.22
CA PHE B 22 -22.01 1.88 16.70
C PHE B 22 -22.42 1.99 15.23
N MET B 23 -22.18 0.92 14.49
CA MET B 23 -22.53 0.88 13.08
C MET B 23 -22.29 -0.52 12.52
N ARG B 24 -23.33 -1.06 11.87
CA ARG B 24 -23.27 -2.38 11.26
C ARG B 24 -22.38 -2.27 10.01
N VAL B 25 -21.40 -3.16 9.86
CA VAL B 25 -20.51 -3.11 8.70
C VAL B 25 -21.27 -3.07 7.39
N GLU B 26 -22.26 -3.93 7.29
CA GLU B 26 -23.12 -4.05 6.12
C GLU B 26 -23.52 -2.68 5.56
N LYS B 27 -23.83 -1.75 6.46
CA LYS B 27 -24.25 -0.40 6.08
C LYS B 27 -23.15 0.48 5.51
N ILE B 28 -21.89 0.15 5.80
CA ILE B 28 -20.80 0.99 5.31
C ILE B 28 -19.79 0.33 4.36
N MET B 29 -19.93 -0.98 4.15
CA MET B 29 -19.04 -1.72 3.27
C MET B 29 -19.23 -1.28 1.83
N ASN B 30 -18.31 -1.68 0.95
CA ASN B 30 -18.38 -1.35 -0.46
C ASN B 30 -19.03 -2.54 -1.19
N SER B 31 -20.28 -2.36 -1.59
CA SER B 31 -21.03 -3.41 -2.27
C SER B 31 -20.67 -3.53 -3.75
N ASN B 32 -19.91 -2.57 -4.26
CA ASN B 32 -19.52 -2.58 -5.66
C ASN B 32 -18.07 -3.04 -5.84
N PHE B 33 -17.71 -4.10 -5.14
CA PHE B 33 -16.36 -4.66 -5.20
C PHE B 33 -16.15 -5.41 -6.51
N LYS B 34 -14.88 -5.61 -6.87
CA LYS B 34 -14.56 -6.32 -8.09
C LYS B 34 -13.93 -7.67 -7.79
N THR B 35 -14.24 -8.65 -8.63
CA THR B 35 -13.74 -10.01 -8.46
C THR B 35 -12.91 -10.40 -9.69
N VAL B 36 -11.79 -11.06 -9.43
CA VAL B 36 -10.89 -11.51 -10.48
C VAL B 36 -10.56 -13.00 -10.29
N ASN B 37 -10.22 -13.66 -11.39
CA ASN B 37 -9.89 -15.08 -11.37
C ASN B 37 -8.51 -15.29 -10.75
N TRP B 38 -8.34 -16.39 -10.02
CA TRP B 38 -7.08 -16.66 -9.34
C TRP B 38 -5.86 -16.90 -10.22
N ASN B 39 -6.06 -17.09 -11.52
CA ASN B 39 -4.94 -17.29 -12.43
C ASN B 39 -4.56 -15.96 -13.11
N THR B 40 -5.26 -14.90 -12.77
CA THR B 40 -4.99 -13.59 -13.33
C THR B 40 -3.56 -13.23 -12.88
N THR B 41 -2.75 -12.64 -13.76
CA THR B 41 -1.39 -12.29 -13.36
C THR B 41 -1.38 -11.04 -12.50
N VAL B 42 -0.31 -10.85 -11.73
CA VAL B 42 -0.18 -9.68 -10.88
C VAL B 42 -0.27 -8.44 -11.79
N PHE B 43 0.33 -8.54 -12.97
CA PHE B 43 0.30 -7.43 -13.92
C PHE B 43 -1.13 -7.03 -14.26
N ASP B 44 -1.94 -7.98 -14.69
CA ASP B 44 -3.32 -7.68 -15.06
C ASP B 44 -4.23 -7.28 -13.89
N ALA B 45 -3.96 -7.81 -12.71
CA ALA B 45 -4.77 -7.47 -11.55
C ALA B 45 -4.49 -6.04 -11.10
N VAL B 46 -3.22 -5.65 -11.11
CA VAL B 46 -2.84 -4.31 -10.68
C VAL B 46 -3.38 -3.27 -11.66
N LYS B 47 -3.52 -3.65 -12.93
CA LYS B 47 -4.06 -2.73 -13.93
C LYS B 47 -5.47 -2.35 -13.50
N ILE B 48 -6.21 -3.35 -13.01
CA ILE B 48 -7.58 -3.13 -12.55
C ILE B 48 -7.60 -2.22 -11.32
N MET B 49 -6.67 -2.46 -10.39
CA MET B 49 -6.59 -1.65 -9.19
C MET B 49 -6.27 -0.19 -9.53
N ASN B 50 -5.23 0.02 -10.32
CA ASN B 50 -4.82 1.38 -10.71
C ASN B 50 -5.89 2.14 -11.48
N GLU B 51 -6.61 1.44 -12.34
CA GLU B 51 -7.65 2.03 -13.16
C GLU B 51 -8.85 2.49 -12.33
N ASN B 52 -9.28 1.64 -11.39
CA ASN B 52 -10.41 1.94 -10.55
C ASN B 52 -10.05 2.58 -9.22
N HIS B 53 -8.76 2.76 -8.95
CA HIS B 53 -8.34 3.36 -7.68
C HIS B 53 -8.98 2.50 -6.59
N LEU B 54 -8.83 1.19 -6.76
CA LEU B 54 -9.40 0.20 -5.84
C LEU B 54 -8.24 -0.73 -5.49
N TYR B 55 -7.84 -0.72 -4.23
CA TYR B 55 -6.69 -1.53 -3.83
C TYR B 55 -6.98 -2.78 -3.03
N GLY B 56 -8.09 -3.42 -3.38
CA GLY B 56 -8.49 -4.65 -2.75
C GLY B 56 -9.44 -5.35 -3.70
N LEU B 57 -9.06 -6.53 -4.19
CA LEU B 57 -9.91 -7.27 -5.13
C LEU B 57 -10.25 -8.64 -4.56
N VAL B 58 -11.48 -9.09 -4.81
CA VAL B 58 -11.87 -10.43 -4.34
C VAL B 58 -11.37 -11.41 -5.40
N VAL B 59 -10.89 -12.57 -4.96
CA VAL B 59 -10.37 -13.56 -5.89
C VAL B 59 -11.18 -14.86 -5.83
N LYS B 60 -11.58 -15.34 -7.00
CA LYS B 60 -12.36 -16.57 -7.13
C LYS B 60 -11.60 -17.60 -7.94
N ASP B 61 -11.81 -18.89 -7.63
CA ASP B 61 -11.17 -19.94 -8.40
C ASP B 61 -12.00 -20.15 -9.66
N ASP B 62 -11.74 -21.23 -10.39
CA ASP B 62 -12.46 -21.48 -11.63
C ASP B 62 -13.87 -22.04 -11.45
N ASN B 63 -14.25 -22.32 -10.21
CA ASN B 63 -15.58 -22.85 -9.93
C ASN B 63 -16.43 -21.84 -9.17
N GLY B 64 -15.94 -20.61 -9.10
CA GLY B 64 -16.69 -19.55 -8.43
C GLY B 64 -16.51 -19.40 -6.94
N ASN B 65 -15.65 -20.21 -6.33
CA ASN B 65 -15.40 -20.11 -4.90
C ASN B 65 -14.50 -18.93 -4.58
N ASP B 66 -14.85 -18.17 -3.55
CA ASP B 66 -14.04 -17.02 -3.13
C ASP B 66 -12.83 -17.56 -2.36
N VAL B 67 -11.67 -17.53 -3.00
CA VAL B 67 -10.48 -18.11 -2.38
C VAL B 67 -9.47 -17.13 -1.76
N GLY B 68 -9.64 -15.84 -1.99
CA GLY B 68 -8.69 -14.91 -1.41
C GLY B 68 -8.99 -13.46 -1.67
N LEU B 69 -8.09 -12.60 -1.18
CA LEU B 69 -8.23 -11.17 -1.36
C LEU B 69 -6.85 -10.62 -1.70
N LEU B 70 -6.77 -9.84 -2.78
CA LEU B 70 -5.49 -9.27 -3.19
C LEU B 70 -5.43 -7.82 -2.74
N SER B 71 -4.38 -7.49 -1.99
CA SER B 71 -4.19 -6.13 -1.48
C SER B 71 -2.83 -5.60 -1.88
N GLU B 72 -2.60 -4.31 -1.63
CA GLU B 72 -1.31 -3.73 -1.97
C GLU B 72 -0.20 -4.42 -1.19
N ARG B 73 -0.42 -4.57 0.11
CA ARG B 73 0.59 -5.19 0.95
C ARG B 73 0.88 -6.62 0.54
N SER B 74 -0.14 -7.36 0.09
CA SER B 74 0.10 -8.74 -0.33
C SER B 74 1.08 -8.76 -1.51
N ILE B 75 0.98 -7.75 -2.37
CA ILE B 75 1.87 -7.65 -3.53
C ILE B 75 3.30 -7.32 -3.10
N ILE B 76 3.44 -6.41 -2.15
CA ILE B 76 4.76 -5.99 -1.67
C ILE B 76 5.44 -7.09 -0.84
N LYS B 77 4.64 -7.83 -0.07
CA LYS B 77 5.13 -8.90 0.79
C LYS B 77 5.30 -10.25 0.11
N ARG B 78 4.40 -10.60 -0.79
CA ARG B 78 4.48 -11.89 -1.44
C ARG B 78 4.88 -11.93 -2.90
N PHE B 79 4.68 -10.83 -3.64
CA PHE B 79 5.06 -10.85 -5.04
C PHE B 79 6.48 -10.36 -5.31
N ILE B 80 6.78 -9.15 -4.84
CA ILE B 80 8.11 -8.59 -5.09
C ILE B 80 9.25 -9.52 -4.68
N PRO B 81 9.19 -10.13 -3.47
CA PRO B 81 10.29 -11.02 -3.06
C PRO B 81 10.58 -12.21 -3.97
N ARG B 82 9.62 -12.57 -4.84
CA ARG B 82 9.82 -13.69 -5.76
C ARG B 82 10.74 -13.27 -6.92
N ASN B 83 10.84 -11.96 -7.13
CA ASN B 83 11.70 -11.41 -8.17
C ASN B 83 11.40 -11.95 -9.57
N LYS B 84 10.15 -11.82 -9.99
CA LYS B 84 9.72 -12.29 -11.31
C LYS B 84 8.91 -11.16 -11.93
N LYS B 85 8.72 -11.21 -13.24
CA LYS B 85 7.92 -10.19 -13.93
C LYS B 85 6.48 -10.35 -13.45
N PRO B 86 5.75 -9.24 -13.24
CA PRO B 86 4.38 -9.36 -12.79
C PRO B 86 3.43 -10.15 -13.71
N ASP B 87 3.83 -10.35 -14.96
CA ASP B 87 2.99 -11.11 -15.90
C ASP B 87 3.33 -12.60 -15.83
N GLU B 88 4.25 -12.96 -14.94
CA GLU B 88 4.67 -14.36 -14.81
C GLU B 88 4.16 -15.01 -13.52
N VAL B 89 3.43 -14.25 -12.71
CA VAL B 89 2.94 -14.76 -11.43
C VAL B 89 1.41 -14.64 -11.24
N PRO B 90 0.71 -15.77 -11.13
CA PRO B 90 -0.74 -15.75 -10.94
C PRO B 90 -1.01 -15.22 -9.53
N ILE B 91 -2.03 -14.38 -9.38
CA ILE B 91 -2.33 -13.82 -8.07
C ILE B 91 -2.66 -14.84 -6.98
N ARG B 92 -2.99 -16.07 -7.35
CA ARG B 92 -3.27 -17.10 -6.36
C ARG B 92 -2.05 -17.29 -5.44
N LEU B 93 -0.86 -17.02 -5.96
CA LEU B 93 0.37 -17.17 -5.18
C LEU B 93 0.66 -15.93 -4.34
N VAL B 94 -0.16 -14.89 -4.48
CA VAL B 94 0.05 -13.62 -3.78
C VAL B 94 -1.05 -13.21 -2.80
N MET B 95 -2.29 -13.44 -3.20
CA MET B 95 -3.45 -13.07 -2.39
C MET B 95 -3.45 -13.58 -0.96
N ARG B 96 -4.19 -12.88 -0.11
CA ARG B 96 -4.34 -13.32 1.26
C ARG B 96 -5.34 -14.48 1.11
N LYS B 97 -5.03 -15.62 1.72
CA LYS B 97 -5.91 -16.78 1.62
C LYS B 97 -5.74 -17.66 2.84
N PRO B 98 -6.84 -18.23 3.37
CA PRO B 98 -8.21 -18.09 2.86
C PRO B 98 -8.63 -16.62 2.91
N ILE B 99 -9.66 -16.26 2.16
CA ILE B 99 -10.11 -14.88 2.13
C ILE B 99 -10.43 -14.34 3.53
N PRO B 100 -9.86 -13.18 3.89
CA PRO B 100 -10.10 -12.56 5.20
C PRO B 100 -11.54 -12.08 5.19
N LYS B 101 -12.27 -12.31 6.27
CA LYS B 101 -13.66 -11.89 6.28
C LYS B 101 -14.30 -11.73 7.65
N VAL B 102 -15.41 -11.00 7.67
CA VAL B 102 -16.21 -10.76 8.86
C VAL B 102 -17.66 -10.86 8.42
N LYS B 103 -18.56 -11.12 9.36
CA LYS B 103 -19.97 -11.24 9.04
C LYS B 103 -20.60 -9.87 8.87
N SER B 104 -21.58 -9.78 7.99
CA SER B 104 -22.27 -8.53 7.71
C SER B 104 -22.90 -7.87 8.92
N ASP B 105 -23.15 -8.64 9.98
CA ASP B 105 -23.78 -8.08 11.17
C ASP B 105 -22.80 -7.61 12.25
N TYR B 106 -21.50 -7.67 11.95
CA TYR B 106 -20.47 -7.23 12.89
C TYR B 106 -20.52 -5.72 13.10
N ASP B 107 -20.30 -5.28 14.33
CA ASP B 107 -20.25 -3.84 14.61
C ASP B 107 -18.86 -3.42 14.13
N VAL B 108 -18.68 -2.14 13.85
CA VAL B 108 -17.38 -1.67 13.39
C VAL B 108 -16.27 -2.03 14.39
N LYS B 109 -16.59 -1.98 15.67
CA LYS B 109 -15.61 -2.32 16.71
C LYS B 109 -15.07 -3.75 16.55
N ASP B 110 -15.97 -4.69 16.27
CA ASP B 110 -15.59 -6.09 16.08
C ASP B 110 -14.77 -6.28 14.81
N VAL B 111 -15.10 -5.50 13.78
CA VAL B 111 -14.38 -5.55 12.53
C VAL B 111 -12.97 -5.03 12.78
N ALA B 112 -12.87 -3.94 13.55
CA ALA B 112 -11.58 -3.35 13.86
C ALA B 112 -10.66 -4.38 14.52
N ALA B 113 -11.21 -5.10 15.49
CA ALA B 113 -10.45 -6.12 16.21
C ALA B 113 -9.96 -7.22 15.27
N TYR B 114 -10.81 -7.61 14.32
CA TYR B 114 -10.45 -8.66 13.36
C TYR B 114 -9.30 -8.21 12.45
N LEU B 115 -9.42 -7.01 11.89
CA LEU B 115 -8.38 -6.48 11.03
C LEU B 115 -7.06 -6.39 11.80
N SER B 116 -7.08 -5.76 12.97
CA SER B 116 -5.89 -5.60 13.80
C SER B 116 -5.22 -6.92 14.20
N GLU B 117 -6.03 -7.90 14.59
CA GLU B 117 -5.55 -9.21 14.98
C GLU B 117 -4.78 -9.86 13.82
N ASN B 118 -5.22 -9.60 12.60
CA ASN B 118 -4.61 -10.17 11.40
C ASN B 118 -3.67 -9.25 10.64
N GLY B 119 -3.44 -8.05 11.17
CA GLY B 119 -2.55 -7.11 10.49
C GLY B 119 -3.08 -6.64 9.15
N LEU B 120 -4.41 -6.60 9.01
CA LEU B 120 -5.05 -6.17 7.76
C LEU B 120 -5.56 -4.74 7.85
N GLU B 121 -5.86 -4.16 6.69
CA GLU B 121 -6.42 -2.82 6.63
C GLU B 121 -7.74 -2.86 5.84
N ARG B 122 -8.11 -4.07 5.42
CA ARG B 122 -9.37 -4.31 4.70
C ARG B 122 -9.65 -5.81 4.67
N CYS B 123 -10.92 -6.17 4.54
CA CYS B 123 -11.32 -7.57 4.48
C CYS B 123 -12.66 -7.68 3.77
N ALA B 124 -13.06 -8.90 3.45
CA ALA B 124 -14.34 -9.09 2.78
C ALA B 124 -15.43 -9.19 3.83
N VAL B 125 -16.67 -9.00 3.40
CA VAL B 125 -17.81 -9.10 4.29
C VAL B 125 -18.70 -10.18 3.68
N VAL B 126 -19.11 -11.13 4.49
CA VAL B 126 -19.97 -12.21 4.02
C VAL B 126 -21.29 -12.19 4.77
N ASP B 127 -22.36 -12.59 4.09
CA ASP B 127 -23.68 -12.63 4.72
C ASP B 127 -23.85 -13.96 5.44
N ASP B 128 -24.98 -14.13 6.11
CA ASP B 128 -25.24 -15.37 6.85
C ASP B 128 -24.96 -16.64 6.04
N PRO B 129 -25.49 -16.74 4.81
CA PRO B 129 -25.22 -17.95 4.03
C PRO B 129 -23.79 -18.08 3.49
N GLY B 130 -22.92 -17.14 3.85
CA GLY B 130 -21.53 -17.21 3.41
C GLY B 130 -21.12 -16.54 2.12
N ARG B 131 -22.02 -15.78 1.51
CA ARG B 131 -21.69 -15.11 0.27
C ARG B 131 -20.94 -13.81 0.53
N VAL B 132 -19.96 -13.50 -0.30
CA VAL B 132 -19.22 -12.25 -0.14
C VAL B 132 -20.16 -11.18 -0.66
N VAL B 133 -20.49 -10.21 0.18
CA VAL B 133 -21.38 -9.13 -0.23
C VAL B 133 -20.68 -7.78 -0.32
N GLY B 134 -19.40 -7.74 0.03
CA GLY B 134 -18.68 -6.48 -0.05
C GLY B 134 -17.29 -6.51 0.55
N ILE B 135 -16.63 -5.36 0.54
CA ILE B 135 -15.30 -5.22 1.13
C ILE B 135 -15.36 -4.03 2.06
N VAL B 136 -14.77 -4.16 3.25
CA VAL B 136 -14.74 -3.06 4.20
C VAL B 136 -13.26 -2.68 4.41
N THR B 137 -12.96 -1.39 4.32
CA THR B 137 -11.59 -0.92 4.49
C THR B 137 -11.45 -0.02 5.70
N LEU B 138 -10.21 0.30 6.05
CA LEU B 138 -9.94 1.19 7.16
C LEU B 138 -10.57 2.56 6.86
N THR B 139 -10.56 2.96 5.60
CA THR B 139 -11.15 4.25 5.24
C THR B 139 -12.63 4.23 5.61
N ASP B 140 -13.33 3.18 5.21
CA ASP B 140 -14.75 3.03 5.52
C ASP B 140 -14.97 3.14 7.03
N LEU B 141 -14.13 2.44 7.78
CA LEU B 141 -14.23 2.41 9.23
C LEU B 141 -13.80 3.69 9.93
N SER B 142 -12.90 4.46 9.32
CA SER B 142 -12.40 5.67 9.95
C SER B 142 -13.48 6.67 10.34
N ARG B 143 -14.64 6.61 9.68
CA ARG B 143 -15.74 7.53 9.99
C ARG B 143 -16.43 7.23 11.31
N TYR B 144 -16.27 6.00 11.81
CA TYR B 144 -16.94 5.61 13.05
C TYR B 144 -16.03 5.20 14.21
N LEU B 145 -14.87 4.63 13.90
CA LEU B 145 -13.93 4.18 14.92
C LEU B 145 -13.30 5.31 15.73
N SER B 146 -12.88 5.00 16.95
CA SER B 146 -12.21 5.97 17.81
C SER B 146 -10.83 6.21 17.21
N ARG B 147 -10.18 7.30 17.58
CA ARG B 147 -8.85 7.56 17.03
C ARG B 147 -7.87 6.48 17.47
N ALA B 148 -8.05 5.99 18.69
CA ALA B 148 -7.19 4.96 19.23
C ALA B 148 -7.34 3.65 18.46
N SER B 149 -8.56 3.36 18.02
CA SER B 149 -8.82 2.13 17.29
C SER B 149 -8.19 2.22 15.89
N ILE B 150 -8.20 3.41 15.31
CA ILE B 150 -7.62 3.63 13.98
C ILE B 150 -6.10 3.47 14.07
N THR B 151 -5.49 4.04 15.10
CA THR B 151 -4.05 3.94 15.27
C THR B 151 -3.66 2.47 15.48
N ASP B 152 -4.48 1.73 16.23
CA ASP B 152 -4.23 0.32 16.48
C ASP B 152 -4.17 -0.45 15.15
N ILE B 153 -5.19 -0.29 14.31
CA ILE B 153 -5.23 -0.95 13.01
C ILE B 153 -4.01 -0.58 12.18
N LEU B 154 -3.65 0.70 12.18
CA LEU B 154 -2.48 1.15 11.42
C LEU B 154 -1.19 0.51 11.93
N LEU B 155 -1.03 0.46 13.25
CA LEU B 155 0.17 -0.12 13.83
C LEU B 155 0.24 -1.63 13.61
N SER B 156 -0.90 -2.30 13.72
CA SER B 156 -0.98 -3.75 13.52
C SER B 156 -0.69 -4.11 12.06
N HIS B 157 -1.12 -3.25 11.14
CA HIS B 157 -0.89 -3.52 9.72
C HIS B 157 0.58 -3.42 9.35
N ARG B 158 1.29 -2.51 10.02
CA ARG B 158 2.71 -2.33 9.74
C ARG B 158 3.56 -3.46 10.32
N THR B 159 3.19 -3.91 11.51
CA THR B 159 3.96 -4.94 12.20
C THR B 159 3.59 -6.40 12.03
N LYS B 160 2.35 -6.68 11.64
CA LYS B 160 1.93 -8.06 11.48
C LYS B 160 1.51 -8.43 10.07
N ASP B 161 1.71 -9.70 9.73
CA ASP B 161 1.38 -10.23 8.41
C ASP B 161 0.32 -11.34 8.50
N TYR B 162 -0.65 -11.30 7.61
CA TYR B 162 -1.74 -12.29 7.58
C TYR B 162 -1.18 -13.69 7.43
N GLN B 163 -1.73 -14.64 8.18
CA GLN B 163 -1.27 -16.01 8.12
C GLN B 163 -1.99 -16.76 7.00
N HIS B 164 -1.26 -17.03 5.91
CA HIS B 164 -1.81 -17.74 4.76
C HIS B 164 -1.83 -19.24 5.01
N LEU B 165 -2.99 -19.87 4.80
CA LEU B 165 -3.12 -21.29 5.01
C LEU B 165 -3.04 -22.06 3.69
N CYS B 166 -2.47 -23.25 3.78
CA CYS B 166 -2.29 -24.15 2.65
C CYS B 166 -3.60 -24.53 1.98
N PRO B 167 -3.67 -24.45 0.63
CA PRO B 167 -4.89 -24.79 -0.11
C PRO B 167 -5.08 -26.29 -0.26
N LYS B 168 -4.00 -27.06 -0.04
CA LYS B 168 -4.09 -28.50 -0.17
C LYS B 168 -4.66 -29.17 1.07
N CYS B 169 -4.10 -28.87 2.25
CA CYS B 169 -4.60 -29.47 3.48
C CYS B 169 -5.50 -28.51 4.25
N GLY B 170 -5.48 -27.23 3.85
CA GLY B 170 -6.30 -26.22 4.49
C GLY B 170 -5.95 -25.90 5.93
N VAL B 171 -5.03 -26.64 6.51
CA VAL B 171 -4.65 -26.43 7.90
C VAL B 171 -3.27 -25.81 8.09
N GLY B 172 -2.31 -26.30 7.32
CA GLY B 172 -0.95 -25.81 7.44
C GLY B 172 -0.74 -24.36 7.07
N VAL B 173 0.29 -23.75 7.64
CA VAL B 173 0.62 -22.36 7.36
C VAL B 173 1.72 -22.29 6.32
N LEU B 174 1.48 -21.52 5.27
CA LEU B 174 2.44 -21.36 4.21
C LEU B 174 3.56 -20.43 4.65
N GLU B 175 4.78 -20.96 4.75
CA GLU B 175 5.94 -20.18 5.17
C GLU B 175 6.89 -19.98 3.99
N PRO B 176 7.56 -18.82 3.93
CA PRO B 176 8.50 -18.56 2.82
C PRO B 176 9.83 -19.30 2.91
N VAL B 177 10.30 -19.79 1.77
CA VAL B 177 11.60 -20.47 1.70
C VAL B 177 12.46 -19.57 0.81
N TYR B 178 13.54 -19.03 1.40
CA TYR B 178 14.43 -18.12 0.68
C TYR B 178 15.71 -18.76 0.16
N ASN B 179 16.33 -18.11 -0.81
CA ASN B 179 17.60 -18.58 -1.36
C ASN B 179 18.67 -17.56 -0.99
N GLU B 180 19.88 -17.75 -1.50
CA GLU B 180 21.00 -16.86 -1.18
C GLU B 180 20.81 -15.40 -1.60
N LYS B 181 19.88 -15.17 -2.52
CA LYS B 181 19.62 -13.82 -2.99
C LYS B 181 18.50 -13.16 -2.21
N GLY B 182 17.91 -13.91 -1.27
CA GLY B 182 16.82 -13.37 -0.49
C GLY B 182 15.50 -13.50 -1.25
N GLU B 183 15.52 -14.19 -2.38
CA GLU B 183 14.31 -14.39 -3.18
C GLU B 183 13.44 -15.46 -2.53
N ILE B 184 12.13 -15.34 -2.68
CA ILE B 184 11.22 -16.34 -2.15
C ILE B 184 11.11 -17.37 -3.27
N LYS B 185 11.66 -18.57 -3.05
CA LYS B 185 11.59 -19.61 -4.06
C LYS B 185 10.20 -20.22 -4.07
N VAL B 186 9.70 -20.51 -2.87
CA VAL B 186 8.36 -21.09 -2.71
C VAL B 186 7.86 -20.78 -1.30
N PHE B 187 6.56 -20.99 -1.09
CA PHE B 187 5.98 -20.85 0.22
C PHE B 187 5.65 -22.30 0.48
N ARG B 188 6.08 -22.81 1.64
CA ARG B 188 5.90 -24.22 1.98
C ARG B 188 4.96 -24.44 3.16
N CYS B 189 4.06 -25.39 3.02
CA CYS B 189 3.11 -25.73 4.07
C CYS B 189 3.85 -26.22 5.31
N SER B 190 3.53 -25.64 6.46
CA SER B 190 4.17 -26.02 7.71
C SER B 190 3.62 -27.32 8.29
N ASN B 191 2.54 -27.84 7.71
CA ASN B 191 1.93 -29.08 8.19
C ASN B 191 2.82 -30.27 7.84
N PRO B 192 3.32 -30.98 8.88
CA PRO B 192 4.19 -32.15 8.69
C PRO B 192 3.58 -33.22 7.80
N ALA B 193 2.27 -33.44 7.96
CA ALA B 193 1.56 -34.44 7.18
C ALA B 193 1.28 -33.97 5.76
N CYS B 194 1.54 -32.70 5.48
CA CYS B 194 1.30 -32.17 4.15
C CYS B 194 2.58 -31.79 3.44
N ASP B 195 2.65 -32.17 2.17
CA ASP B 195 3.80 -31.88 1.33
C ASP B 195 3.29 -31.00 0.20
N TYR B 196 3.16 -29.70 0.48
CA TYR B 196 2.70 -28.75 -0.52
C TYR B 196 3.65 -27.57 -0.60
N GLU B 197 3.88 -27.09 -1.82
CA GLU B 197 4.75 -25.96 -2.09
C GLU B 197 4.21 -25.24 -3.32
N GLU B 198 4.40 -23.92 -3.37
CA GLU B 198 3.94 -23.14 -4.50
C GLU B 198 4.81 -21.89 -4.68
#